data_4YAZ
#
_entry.id   4YAZ
#
_cell.length_a   66.623
_cell.length_b   50.517
_cell.length_c   78.657
_cell.angle_alpha   90.00
_cell.angle_beta   90.92
_cell.angle_gamma   90.00
#
_symmetry.space_group_name_H-M   'P 1 21 1'
#
loop_
_entity.id
_entity.type
_entity.pdbx_description
1 polymer 'RNA (84-MER)'
2 non-polymer 'MAGNESIUM ION'
3 non-polymer 'POTASSIUM ION'
4 non-polymer "2-amino-9-[(2R,3R,3aS,5R,7aR,9R,10R,10aS,12R,14aR)-9-(6-amino-9H-purin-9-yl)-3,5,10,12-tetrahydroxy-5,12-dioxidooctahydro-2H,7H-difuro[3,2-d:3',2'-j][1,3,7,9,2,8]tetraoxadiphosphacyclododecin-2-yl]-1,9-dihydro-6H-purin-6-one"
5 water water
#
_entity_poly.entity_id   1
_entity_poly.type   'polyribonucleotide'
_entity_poly.pdbx_seq_one_letter_code
;(GTP)GUACACGACAAUACUAAACCAUCCGCGAGGAUGGGGCGGAAAGCCUAAGGGUCUCCCUGAGACAGCCGGGCUGCC
GAAAUAUC
;
_entity_poly.pdbx_strand_id   R,A
#